data_5FOH
#
_entry.id   5FOH
#
_cell.length_a   80.419
_cell.length_b   80.419
_cell.length_c   57.864
_cell.angle_alpha   90.00
_cell.angle_beta   90.00
_cell.angle_gamma   120.00
#
_symmetry.space_group_name_H-M   'P 32 2 1'
#
loop_
_entity.id
_entity.type
_entity.pdbx_description
1 polymer 'POLYSACCHARIDE MONOOXYGENASE'
2 non-polymer alpha-D-mannopyranose
3 non-polymer 'COPPER (II) ION'
4 non-polymer 'SULFATE ION'
5 non-polymer 'LITHIUM ION'
6 water water
#
_entity_poly.entity_id   1
_entity_poly.type   'polypeptide(L)'
_entity_poly.pdbx_seq_one_letter_code
;HTIFVQLEADGTTYPVSYGIRTPSYDGPITDVTSNDLACNGGPNPTTPSDKIITVNAGSTVKAIWRHTLTSGADDVMDAS
HKGPTLAYLKKVDDALTDTGIGGGWFKIQEDGYNNGQWGTSTVITNGGFQYIDIPACIPSGQYLLRAEMIALHAASSTAG
AQLYMECAQINIVGGTGGTALPSTTYSIPGIYKATDPGLLVNIYSMSPSSTYTIPGPAKFTCP
;
_entity_poly.pdbx_strand_id   A
#
loop_
_chem_comp.id
_chem_comp.type
_chem_comp.name
_chem_comp.formula
CU non-polymer 'COPPER (II) ION' 'Cu 2'
LI non-polymer 'LITHIUM ION' 'Li 1'
MAN D-saccharide, alpha linking alpha-D-mannopyranose 'C6 H12 O6'
SO4 non-polymer 'SULFATE ION' 'O4 S -2'
#
# COMPACT_ATOMS: atom_id res chain seq x y z
N HIS A 1 2.75 12.74 -5.01
CA HIS A 1 2.76 13.10 -3.57
C HIS A 1 1.37 12.81 -3.04
N THR A 2 1.30 11.83 -2.12
CA THR A 2 0.00 11.30 -1.67
C THR A 2 0.20 10.53 -0.36
N ILE A 3 -0.91 10.36 0.36
CA ILE A 3 -0.93 9.70 1.66
C ILE A 3 -2.20 8.85 1.76
N PHE A 4 -2.04 7.64 2.30
CA PHE A 4 -3.16 6.75 2.67
C PHE A 4 -3.65 7.32 4.01
N VAL A 5 -4.79 8.01 3.97
CA VAL A 5 -5.22 8.82 5.12
C VAL A 5 -6.33 8.22 5.95
N GLN A 6 -7.17 7.39 5.36
CA GLN A 6 -8.24 6.75 6.14
C GLN A 6 -8.65 5.43 5.52
N LEU A 7 -9.23 4.55 6.35
CA LEU A 7 -9.61 3.20 5.97
C LEU A 7 -11.12 3.02 6.17
N GLU A 8 -11.79 2.44 5.18
N GLU A 8 -11.77 2.40 5.19
CA GLU A 8 -13.15 1.93 5.36
CA GLU A 8 -13.14 1.93 5.34
C GLU A 8 -13.08 0.42 5.53
C GLU A 8 -13.10 0.41 5.53
N ALA A 9 -13.75 -0.09 6.57
CA ALA A 9 -13.81 -1.54 6.83
C ALA A 9 -15.10 -1.87 7.52
N ASP A 10 -15.73 -2.96 7.09
CA ASP A 10 -16.96 -3.49 7.71
C ASP A 10 -18.08 -2.42 7.73
N GLY A 11 -18.12 -1.55 6.72
CA GLY A 11 -19.17 -0.51 6.63
C GLY A 11 -18.93 0.79 7.38
N THR A 12 -17.77 0.94 8.01
CA THR A 12 -17.42 2.17 8.74
C THR A 12 -16.22 2.79 8.09
N THR A 13 -16.32 4.06 7.75
CA THR A 13 -15.18 4.84 7.26
C THR A 13 -14.60 5.62 8.42
N TYR A 14 -13.40 5.23 8.84
CA TYR A 14 -12.80 5.79 10.04
C TYR A 14 -12.20 7.18 9.76
N PRO A 15 -12.03 8.00 10.80
CA PRO A 15 -11.47 9.33 10.59
C PRO A 15 -10.04 9.36 10.04
N VAL A 16 -9.67 10.49 9.48
CA VAL A 16 -8.31 10.70 9.00
C VAL A 16 -7.31 10.37 10.12
N SER A 17 -6.34 9.53 9.78
CA SER A 17 -5.26 9.10 10.68
C SER A 17 -5.69 8.13 11.78
N TYR A 18 -6.98 7.76 11.84
CA TYR A 18 -7.44 6.80 12.85
C TYR A 18 -6.90 5.42 12.48
N GLY A 19 -6.04 4.89 13.35
CA GLY A 19 -5.46 3.57 13.16
C GLY A 19 -4.39 3.48 12.07
N ILE A 20 -3.96 4.62 11.55
CA ILE A 20 -3.00 4.67 10.44
C ILE A 20 -1.84 5.55 10.87
N ARG A 21 -0.63 5.07 10.61
CA ARG A 21 0.58 5.79 10.99
C ARG A 21 0.89 6.77 9.87
N THR A 22 0.15 7.89 9.84
CA THR A 22 0.28 8.87 8.76
C THR A 22 1.45 9.82 8.99
N PRO A 23 2.20 10.14 7.93
CA PRO A 23 3.09 11.28 8.00
C PRO A 23 2.24 12.53 7.79
N SER A 24 2.69 13.68 8.27
CA SER A 24 2.09 14.96 7.85
C SER A 24 2.65 15.39 6.48
N TYR A 25 3.87 15.00 6.14
CA TYR A 25 4.49 15.33 4.85
C TYR A 25 4.27 14.23 3.80
N ASP A 26 3.84 14.62 2.59
CA ASP A 26 3.41 13.65 1.57
C ASP A 26 4.50 13.22 0.58
N GLY A 27 5.76 13.41 0.94
CA GLY A 27 6.87 13.09 0.04
C GLY A 27 7.12 11.60 -0.14
N PRO A 28 7.85 11.23 -1.22
CA PRO A 28 8.12 9.82 -1.52
C PRO A 28 9.26 9.16 -0.72
N ILE A 29 9.24 7.84 -0.68
CA ILE A 29 10.42 7.03 -0.40
C ILE A 29 11.01 6.61 -1.75
N THR A 30 12.32 6.77 -1.96
CA THR A 30 12.95 6.39 -3.23
C THR A 30 14.06 5.35 -3.07
N ASP A 31 14.46 5.05 -1.83
CA ASP A 31 15.49 4.04 -1.60
C ASP A 31 14.80 2.76 -1.10
N VAL A 32 14.66 1.79 -1.99
CA VAL A 32 13.97 0.54 -1.63
C VAL A 32 14.74 -0.39 -0.69
N THR A 33 15.99 -0.07 -0.40
CA THR A 33 16.74 -0.82 0.61
C THR A 33 16.53 -0.23 2.03
N SER A 34 15.92 0.95 2.13
CA SER A 34 15.69 1.60 3.45
C SER A 34 14.60 0.91 4.28
N ASN A 35 14.81 0.86 5.59
CA ASN A 35 13.74 0.47 6.50
C ASN A 35 12.49 1.34 6.41
N ASP A 36 12.65 2.56 5.88
CA ASP A 36 11.51 3.46 5.66
C ASP A 36 10.50 2.83 4.67
N LEU A 37 10.94 1.89 3.84
CA LEU A 37 10.01 1.24 2.87
C LEU A 37 8.85 0.50 3.56
N ALA A 38 9.06 -0.01 4.77
CA ALA A 38 8.03 -0.82 5.41
C ALA A 38 6.75 -0.04 5.69
N CYS A 39 6.86 1.02 6.50
CA CYS A 39 5.69 1.77 6.96
C CYS A 39 5.98 3.27 6.90
N ASN A 40 6.81 3.68 5.94
CA ASN A 40 7.21 5.08 5.80
C ASN A 40 8.08 5.47 6.99
N GLY A 41 8.46 6.75 7.03
CA GLY A 41 9.33 7.27 8.07
C GLY A 41 10.45 8.05 7.43
N GLY A 42 11.54 8.23 8.17
CA GLY A 42 12.72 8.89 7.63
C GLY A 42 12.43 10.34 7.26
N PRO A 43 12.47 10.68 5.94
CA PRO A 43 12.13 12.05 5.51
C PRO A 43 10.66 12.41 5.76
N ASN A 44 9.82 11.40 5.96
CA ASN A 44 8.41 11.58 6.27
C ASN A 44 8.04 10.98 7.65
N PRO A 45 8.45 11.63 8.73
CA PRO A 45 8.16 11.05 10.05
C PRO A 45 6.66 10.83 10.26
N THR A 46 6.29 9.66 10.78
CA THR A 46 4.91 9.29 10.95
C THR A 46 4.38 9.56 12.36
N THR A 47 3.07 9.68 12.46
CA THR A 47 2.38 9.96 13.71
C THR A 47 1.90 8.66 14.36
N PRO A 48 2.34 8.36 15.59
CA PRO A 48 1.84 7.15 16.26
C PRO A 48 0.33 7.15 16.49
N SER A 49 -0.25 5.96 16.50
CA SER A 49 -1.68 5.76 16.76
C SER A 49 -1.89 4.66 17.79
N ASP A 50 -2.78 4.92 18.76
CA ASP A 50 -3.20 3.86 19.70
C ASP A 50 -4.51 3.15 19.32
N LYS A 51 -4.94 3.27 18.06
CA LYS A 51 -6.20 2.69 17.61
C LYS A 51 -5.96 1.48 16.71
N ILE A 52 -6.86 0.51 16.82
CA ILE A 52 -6.84 -0.70 16.00
C ILE A 52 -8.22 -0.88 15.40
N ILE A 53 -8.29 -1.04 14.08
CA ILE A 53 -9.56 -1.16 13.35
C ILE A 53 -9.94 -2.62 13.14
N THR A 54 -11.18 -2.99 13.48
CA THR A 54 -11.68 -4.34 13.24
C THR A 54 -11.99 -4.55 11.78
N VAL A 55 -11.56 -5.70 11.24
CA VAL A 55 -11.73 -6.04 9.82
C VAL A 55 -12.17 -7.50 9.70
N ASN A 56 -13.25 -7.78 8.98
CA ASN A 56 -13.64 -9.16 8.70
C ASN A 56 -12.78 -9.84 7.63
N ALA A 57 -12.27 -11.02 7.93
CA ALA A 57 -11.64 -11.84 6.91
C ALA A 57 -12.66 -12.08 5.80
N GLY A 58 -12.19 -12.02 4.56
CA GLY A 58 -13.03 -12.27 3.42
C GLY A 58 -13.81 -11.07 2.97
N SER A 59 -13.60 -9.91 3.58
CA SER A 59 -14.30 -8.68 3.20
C SER A 59 -13.37 -7.78 2.38
N THR A 60 -13.96 -6.77 1.74
CA THR A 60 -13.22 -5.79 1.00
C THR A 60 -13.06 -4.56 1.90
N VAL A 61 -11.83 -4.05 2.04
CA VAL A 61 -11.62 -2.77 2.71
C VAL A 61 -11.23 -1.74 1.65
N LYS A 62 -11.29 -0.47 2.01
CA LYS A 62 -10.97 0.61 1.07
C LYS A 62 -9.95 1.52 1.70
N ALA A 63 -8.75 1.54 1.14
CA ALA A 63 -7.72 2.51 1.53
C ALA A 63 -8.00 3.80 0.76
N ILE A 64 -8.15 4.90 1.48
CA ILE A 64 -8.51 6.19 0.86
C ILE A 64 -7.29 7.10 0.86
N TRP A 65 -6.93 7.55 -0.34
CA TRP A 65 -5.76 8.37 -0.58
C TRP A 65 -6.05 9.85 -0.85
N ARG A 66 -5.19 10.73 -0.32
CA ARG A 66 -5.33 12.19 -0.45
C ARG A 66 -3.97 12.82 -0.60
N HIS A 67 -3.89 13.94 -1.29
CA HIS A 67 -2.61 14.59 -1.50
C HIS A 67 -2.01 15.07 -0.18
N THR A 68 -2.83 15.65 0.67
CA THR A 68 -2.44 16.02 2.02
C THR A 68 -3.52 15.53 2.99
N LEU A 69 -3.26 15.66 4.29
CA LEU A 69 -4.19 15.12 5.28
C LEU A 69 -5.59 15.73 5.20
N THR A 70 -5.72 16.99 4.77
CA THR A 70 -7.03 17.63 4.74
C THR A 70 -7.59 17.84 3.35
N SER A 71 -6.95 17.26 2.32
CA SER A 71 -7.37 17.39 0.91
CA SER A 71 -7.44 17.52 0.96
C SER A 71 -8.71 16.72 0.63
N GLY A 72 -9.38 17.15 -0.44
CA GLY A 72 -10.64 16.57 -0.87
C GLY A 72 -10.51 15.61 -2.03
N ALA A 73 -11.65 15.20 -2.55
CA ALA A 73 -11.73 14.10 -3.50
C ALA A 73 -11.13 14.39 -4.89
N ASP A 74 -10.91 15.68 -5.21
CA ASP A 74 -10.26 16.07 -6.46
C ASP A 74 -8.76 16.28 -6.31
N ASP A 75 -8.19 15.90 -5.15
CA ASP A 75 -6.80 16.20 -4.85
C ASP A 75 -6.23 14.96 -4.14
N VAL A 76 -6.10 13.92 -4.94
CA VAL A 76 -5.59 12.62 -4.50
C VAL A 76 -4.08 12.52 -4.79
N MET A 77 -3.71 12.75 -6.05
CA MET A 77 -2.34 12.71 -6.51
C MET A 77 -2.29 13.29 -7.92
N ASP A 78 -1.19 13.96 -8.23
CA ASP A 78 -0.91 14.47 -9.59
C ASP A 78 -1.12 13.37 -10.63
N ALA A 79 -1.94 13.63 -11.64
CA ALA A 79 -2.28 12.60 -12.63
C ALA A 79 -1.10 12.12 -13.50
N SER A 80 -0.01 12.88 -13.50
CA SER A 80 1.25 12.43 -14.15
C SER A 80 1.88 11.21 -13.45
N HIS A 81 1.52 10.99 -12.19
CA HIS A 81 2.12 9.96 -11.33
C HIS A 81 1.56 8.59 -11.60
N LYS A 82 1.80 8.11 -12.79
CA LYS A 82 1.30 6.85 -13.22
C LYS A 82 2.14 5.69 -12.69
N GLY A 83 1.48 4.69 -12.16
CA GLY A 83 2.12 3.46 -11.74
C GLY A 83 1.16 2.50 -11.08
N PRO A 84 1.70 1.45 -10.45
CA PRO A 84 0.86 0.44 -9.84
C PRO A 84 0.41 0.81 -8.44
N THR A 85 -0.62 0.13 -7.98
CA THR A 85 -1.01 0.15 -6.57
C THR A 85 -0.86 -1.27 -6.04
N LEU A 86 -0.53 -1.38 -4.75
CA LEU A 86 -0.30 -2.67 -4.13
C LEU A 86 -0.74 -2.64 -2.66
N ALA A 87 -0.98 -3.81 -2.10
CA ALA A 87 -1.26 -3.93 -0.66
C ALA A 87 -0.74 -5.25 -0.12
N TYR A 88 -0.28 -5.18 1.13
CA TYR A 88 0.34 -6.30 1.83
C TYR A 88 -0.20 -6.42 3.25
N LEU A 89 -0.18 -7.64 3.77
CA LEU A 89 -0.48 -7.88 5.17
C LEU A 89 0.73 -8.49 5.88
N LYS A 90 0.86 -8.19 7.17
CA LYS A 90 1.81 -8.89 8.07
C LYS A 90 1.10 -9.25 9.36
N LYS A 91 1.13 -10.52 9.75
CA LYS A 91 0.59 -10.93 11.03
C LYS A 91 1.56 -10.47 12.13
N VAL A 92 1.02 -9.81 13.15
CA VAL A 92 1.85 -9.27 14.23
C VAL A 92 1.24 -9.63 15.60
N ASP A 93 2.09 -9.70 16.62
CA ASP A 93 1.60 -9.99 17.97
C ASP A 93 0.81 -8.80 18.52
N ASP A 94 1.28 -7.60 18.22
CA ASP A 94 0.72 -6.36 18.78
C ASP A 94 0.87 -5.25 17.75
N ALA A 95 -0.24 -4.84 17.16
CA ALA A 95 -0.21 -3.79 16.13
C ALA A 95 0.17 -2.41 16.64
N LEU A 96 0.19 -2.22 17.97
CA LEU A 96 0.64 -0.95 18.53
C LEU A 96 2.17 -0.84 18.61
N THR A 97 2.88 -1.97 18.56
CA THR A 97 4.34 -1.94 18.68
C THR A 97 5.13 -2.37 17.44
N ASP A 98 4.57 -3.24 16.62
CA ASP A 98 5.33 -3.78 15.50
C ASP A 98 5.61 -2.70 14.46
N THR A 99 6.87 -2.51 14.09
CA THR A 99 7.25 -1.46 13.11
C THR A 99 7.04 -1.90 11.66
N GLY A 100 6.80 -3.19 11.45
CA GLY A 100 6.68 -3.73 10.08
C GLY A 100 8.00 -3.96 9.35
N ILE A 101 9.11 -3.58 9.97
CA ILE A 101 10.41 -3.71 9.33
C ILE A 101 10.85 -5.16 9.45
N GLY A 102 11.11 -5.80 8.31
CA GLY A 102 11.56 -7.18 8.34
C GLY A 102 10.61 -8.12 7.63
N GLY A 103 10.60 -9.38 8.07
CA GLY A 103 9.84 -10.44 7.40
C GLY A 103 8.36 -10.50 7.75
N GLY A 104 7.67 -11.47 7.19
CA GLY A 104 6.26 -11.72 7.50
C GLY A 104 5.22 -11.18 6.52
N TRP A 105 5.64 -10.42 5.52
CA TRP A 105 4.69 -9.77 4.62
C TRP A 105 4.22 -10.68 3.51
N PHE A 106 2.94 -10.56 3.16
CA PHE A 106 2.42 -11.22 1.96
C PHE A 106 1.53 -10.27 1.19
N LYS A 107 1.61 -10.37 -0.13
CA LYS A 107 0.86 -9.49 -1.04
C LYS A 107 -0.58 -9.96 -1.20
N ILE A 108 -1.52 -9.04 -1.03
CA ILE A 108 -2.95 -9.36 -1.19
C ILE A 108 -3.70 -8.56 -2.26
N GLN A 109 -3.05 -7.56 -2.82
CA GLN A 109 -3.63 -6.74 -3.88
C GLN A 109 -2.52 -6.18 -4.74
N GLU A 110 -2.78 -6.14 -6.05
CA GLU A 110 -1.93 -5.40 -6.98
C GLU A 110 -2.74 -4.98 -8.20
N ASP A 111 -2.43 -3.79 -8.72
CA ASP A 111 -3.10 -3.25 -9.90
C ASP A 111 -2.04 -2.52 -10.73
N GLY A 112 -1.68 -3.09 -11.88
CA GLY A 112 -0.58 -2.59 -12.67
C GLY A 112 -1.02 -1.76 -13.86
N TYR A 113 -0.70 -2.23 -15.06
CA TYR A 113 -0.99 -1.52 -16.29
C TYR A 113 -1.96 -2.39 -17.06
N ASN A 114 -3.15 -1.87 -17.32
CA ASN A 114 -4.20 -2.64 -17.96
C ASN A 114 -4.74 -1.88 -19.17
N ASN A 115 -4.43 -2.37 -20.37
CA ASN A 115 -4.82 -1.74 -21.63
CA ASN A 115 -4.96 -1.75 -21.57
C ASN A 115 -4.73 -0.22 -21.60
N GLY A 116 -3.57 0.27 -21.17
CA GLY A 116 -3.29 1.71 -21.13
C GLY A 116 -3.64 2.46 -19.85
N GLN A 117 -4.28 1.78 -18.89
CA GLN A 117 -4.74 2.41 -17.66
C GLN A 117 -3.91 1.90 -16.48
N TRP A 118 -3.32 2.82 -15.72
CA TRP A 118 -2.52 2.43 -14.57
C TRP A 118 -3.36 2.40 -13.31
N GLY A 119 -2.93 1.58 -12.35
CA GLY A 119 -3.60 1.47 -11.07
C GLY A 119 -3.75 2.78 -10.35
N THR A 120 -2.71 3.58 -10.32
CA THR A 120 -2.77 4.89 -9.65
C THR A 120 -3.80 5.81 -10.30
N SER A 121 -3.86 5.79 -11.63
CA SER A 121 -4.83 6.60 -12.36
C SER A 121 -6.25 6.25 -11.98
N THR A 122 -6.52 4.97 -11.78
CA THR A 122 -7.85 4.52 -11.37
C THR A 122 -8.20 5.02 -9.97
N VAL A 123 -7.25 4.93 -9.04
CA VAL A 123 -7.48 5.49 -7.69
C VAL A 123 -7.74 7.00 -7.74
N ILE A 124 -6.99 7.72 -8.57
CA ILE A 124 -7.19 9.16 -8.72
C ILE A 124 -8.62 9.44 -9.20
N THR A 125 -9.07 8.70 -10.20
CA THR A 125 -10.32 9.04 -10.86
C THR A 125 -11.56 8.48 -10.16
N ASN A 126 -11.38 7.54 -9.24
CA ASN A 126 -12.52 6.96 -8.55
C ASN A 126 -12.79 7.55 -7.18
N GLY A 127 -12.12 8.68 -6.86
CA GLY A 127 -12.25 9.44 -5.60
C GLY A 127 -11.22 9.11 -4.53
N GLY A 128 -10.15 8.44 -4.94
CA GLY A 128 -9.08 8.06 -4.03
C GLY A 128 -9.25 6.72 -3.33
N PHE A 129 -10.15 5.88 -3.82
CA PHE A 129 -10.39 4.54 -3.24
C PHE A 129 -9.53 3.45 -3.86
N GLN A 130 -8.70 2.83 -3.04
CA GLN A 130 -8.00 1.61 -3.40
C GLN A 130 -8.70 0.42 -2.74
N TYR A 131 -9.28 -0.44 -3.58
CA TYR A 131 -10.04 -1.59 -3.10
C TYR A 131 -9.13 -2.77 -2.82
N ILE A 132 -9.26 -3.33 -1.62
CA ILE A 132 -8.36 -4.38 -1.14
C ILE A 132 -9.16 -5.54 -0.54
N ASP A 133 -9.04 -6.73 -1.12
CA ASP A 133 -9.75 -7.91 -0.63
C ASP A 133 -8.92 -8.62 0.43
N ILE A 134 -9.47 -8.72 1.63
CA ILE A 134 -8.81 -9.41 2.74
C ILE A 134 -9.10 -10.91 2.56
N PRO A 135 -8.05 -11.75 2.53
CA PRO A 135 -8.27 -13.20 2.33
C PRO A 135 -9.20 -13.79 3.38
N ALA A 136 -10.04 -14.72 2.94
CA ALA A 136 -11.02 -15.36 3.78
C ALA A 136 -10.39 -16.40 4.73
N CYS A 137 -9.23 -16.91 4.37
CA CYS A 137 -8.68 -18.15 4.92
C CYS A 137 -7.59 -17.94 5.97
N ILE A 138 -7.28 -16.69 6.29
CA ILE A 138 -6.16 -16.40 7.21
C ILE A 138 -6.63 -16.32 8.66
N PRO A 139 -5.71 -16.51 9.62
CA PRO A 139 -6.15 -16.53 11.03
C PRO A 139 -6.57 -15.18 11.59
N SER A 140 -7.48 -15.22 12.57
CA SER A 140 -7.82 -14.05 13.34
C SER A 140 -6.60 -13.51 14.07
N GLY A 141 -6.62 -12.21 14.33
CA GLY A 141 -5.66 -11.56 15.18
C GLY A 141 -5.19 -10.25 14.60
N GLN A 142 -4.15 -9.70 15.22
CA GLN A 142 -3.61 -8.41 14.80
C GLN A 142 -2.70 -8.52 13.56
N TYR A 143 -2.85 -7.54 12.66
CA TYR A 143 -2.03 -7.40 11.46
C TYR A 143 -1.69 -5.94 11.20
N LEU A 144 -0.65 -5.73 10.43
CA LEU A 144 -0.45 -4.45 9.73
C LEU A 144 -0.93 -4.61 8.30
N LEU A 145 -1.60 -3.59 7.81
CA LEU A 145 -2.04 -3.53 6.42
C LEU A 145 -1.26 -2.40 5.77
N ARG A 146 -0.44 -2.73 4.78
CA ARG A 146 0.44 -1.77 4.13
C ARG A 146 -0.12 -1.50 2.74
N ALA A 147 -0.56 -0.27 2.50
CA ALA A 147 -1.05 0.10 1.19
C ALA A 147 -0.06 1.03 0.53
N GLU A 148 0.10 0.83 -0.79
CA GLU A 148 1.19 1.48 -1.52
C GLU A 148 0.77 1.97 -2.90
N MET A 149 1.20 3.18 -3.24
CA MET A 149 1.11 3.69 -4.62
C MET A 149 2.52 4.01 -5.11
N ILE A 150 2.85 3.60 -6.33
CA ILE A 150 4.17 3.83 -6.91
C ILE A 150 4.02 4.67 -8.18
N ALA A 151 4.69 5.83 -8.21
CA ALA A 151 4.69 6.74 -9.35
C ALA A 151 5.96 6.51 -10.17
N LEU A 152 5.79 6.33 -11.48
CA LEU A 152 6.87 5.91 -12.38
C LEU A 152 7.21 6.97 -13.42
N HIS A 153 6.69 8.18 -13.26
CA HIS A 153 6.93 9.26 -14.22
C HIS A 153 8.41 9.67 -14.40
N ALA A 154 9.23 9.44 -13.36
CA ALA A 154 10.68 9.67 -13.44
C ALA A 154 11.52 8.40 -13.25
N ALA A 155 10.91 7.23 -13.49
CA ALA A 155 11.51 5.94 -13.15
C ALA A 155 12.51 5.38 -14.16
N SER A 156 12.81 6.12 -15.22
CA SER A 156 13.80 5.60 -16.18
C SER A 156 15.23 5.73 -15.66
N SER A 157 15.41 6.47 -14.56
CA SER A 157 16.69 6.58 -13.85
C SER A 157 16.66 5.77 -12.54
N THR A 158 17.84 5.34 -12.11
CA THR A 158 17.98 4.59 -10.86
C THR A 158 17.45 5.39 -9.68
N ALA A 159 16.63 4.73 -8.86
CA ALA A 159 15.95 5.34 -7.72
C ALA A 159 15.04 6.52 -8.07
N GLY A 160 14.57 6.56 -9.32
CA GLY A 160 13.63 7.57 -9.79
C GLY A 160 12.18 7.26 -9.45
N ALA A 161 11.86 5.98 -9.30
CA ALA A 161 10.51 5.55 -8.91
C ALA A 161 10.20 6.16 -7.54
N GLN A 162 8.97 6.62 -7.35
CA GLN A 162 8.55 7.24 -6.09
C GLN A 162 7.54 6.38 -5.39
N LEU A 163 7.83 5.94 -4.17
CA LEU A 163 6.96 5.00 -3.45
C LEU A 163 6.29 5.73 -2.27
N TYR A 164 4.97 5.57 -2.19
CA TYR A 164 4.13 6.21 -1.15
C TYR A 164 3.38 5.09 -0.45
N MET A 165 3.60 4.92 0.86
CA MET A 165 2.96 3.85 1.61
C MET A 165 2.63 4.29 3.03
N GLU A 166 1.58 3.69 3.58
CA GLU A 166 1.32 3.79 5.02
C GLU A 166 0.79 2.46 5.53
N CYS A 167 0.90 2.26 6.85
CA CYS A 167 0.46 1.05 7.53
C CYS A 167 -0.70 1.35 8.45
N ALA A 168 -1.76 0.56 8.28
CA ALA A 168 -2.92 0.55 9.19
C ALA A 168 -2.78 -0.58 10.19
N GLN A 169 -3.25 -0.31 11.41
CA GLN A 169 -3.24 -1.26 12.52
C GLN A 169 -4.62 -1.90 12.58
N ILE A 170 -4.70 -3.18 12.30
CA ILE A 170 -5.99 -3.86 12.17
C ILE A 170 -6.08 -5.15 13.00
N ASN A 171 -7.32 -5.53 13.30
CA ASN A 171 -7.62 -6.77 13.99
C ASN A 171 -8.58 -7.54 13.09
N ILE A 172 -8.10 -8.63 12.50
CA ILE A 172 -8.89 -9.45 11.60
C ILE A 172 -9.70 -10.48 12.42
N VAL A 173 -10.97 -10.56 12.09
CA VAL A 173 -11.91 -11.48 12.76
C VAL A 173 -12.52 -12.47 11.76
N GLY A 174 -12.94 -13.62 12.32
CA GLY A 174 -13.60 -14.68 11.54
C GLY A 174 -12.61 -15.48 10.72
N GLY A 178 -10.21 -23.76 10.41
CA GLY A 178 -9.90 -23.86 8.99
C GLY A 178 -8.92 -22.81 8.46
N THR A 179 -8.35 -22.00 9.36
CA THR A 179 -7.54 -20.85 8.95
C THR A 179 -6.05 -21.17 8.90
N ALA A 180 -5.33 -20.48 8.04
CA ALA A 180 -3.87 -20.63 7.94
C ALA A 180 -3.23 -19.44 7.23
N LEU A 181 -2.04 -19.07 7.67
CA LEU A 181 -1.27 -18.03 6.98
C LEU A 181 -0.66 -18.59 5.71
N PRO A 182 -0.25 -17.73 4.77
CA PRO A 182 0.40 -18.23 3.57
C PRO A 182 1.65 -19.05 3.88
N SER A 183 1.99 -19.97 2.98
CA SER A 183 3.21 -20.77 3.13
C SER A 183 4.45 -19.91 3.07
N THR A 184 4.45 -18.93 2.17
CA THR A 184 5.62 -18.12 1.90
C THR A 184 5.36 -16.66 2.25
N THR A 185 6.31 -16.04 2.94
CA THR A 185 6.21 -14.62 3.27
C THR A 185 7.55 -13.98 2.94
N TYR A 186 7.61 -12.66 2.99
CA TYR A 186 8.70 -11.90 2.44
C TYR A 186 9.08 -10.71 3.32
N SER A 187 10.26 -10.15 3.08
CA SER A 187 10.78 -9.05 3.88
C SER A 187 10.61 -7.70 3.19
N ILE A 188 10.28 -6.68 3.98
CA ILE A 188 10.28 -5.29 3.52
C ILE A 188 11.09 -4.46 4.50
N PRO A 189 12.23 -3.89 4.09
CA PRO A 189 12.79 -4.00 2.75
C PRO A 189 13.28 -5.43 2.38
N GLY A 190 13.35 -5.68 1.08
CA GLY A 190 13.77 -6.96 0.52
C GLY A 190 13.03 -7.31 -0.77
N ILE A 191 11.72 -7.13 -0.76
CA ILE A 191 10.89 -7.46 -1.95
C ILE A 191 11.24 -6.69 -3.22
N TYR A 192 11.78 -5.48 -3.08
CA TYR A 192 12.11 -4.65 -4.22
C TYR A 192 13.61 -4.41 -4.35
N LYS A 193 14.06 -4.34 -5.60
CA LYS A 193 15.42 -3.93 -5.94
C LYS A 193 15.36 -2.77 -6.94
N ALA A 194 16.37 -1.90 -6.93
CA ALA A 194 16.35 -0.70 -7.76
C ALA A 194 16.42 -1.04 -9.26
N THR A 195 16.86 -2.25 -9.58
CA THR A 195 16.90 -2.75 -10.96
C THR A 195 15.68 -3.55 -11.41
N ASP A 196 14.68 -3.69 -10.55
CA ASP A 196 13.46 -4.43 -10.92
C ASP A 196 12.85 -3.82 -12.20
N PRO A 197 12.34 -4.68 -13.10
CA PRO A 197 11.82 -4.20 -14.39
C PRO A 197 10.55 -3.34 -14.28
N GLY A 198 9.88 -3.43 -13.14
CA GLY A 198 8.74 -2.55 -12.84
C GLY A 198 9.09 -1.29 -12.06
N LEU A 199 10.34 -1.13 -11.67
CA LEU A 199 10.78 0.07 -10.95
C LEU A 199 11.76 0.92 -11.76
N LEU A 200 12.71 0.27 -12.45
CA LEU A 200 13.60 0.94 -13.40
C LEU A 200 12.99 0.68 -14.79
N VAL A 201 12.25 1.67 -15.29
CA VAL A 201 11.31 1.47 -16.40
C VAL A 201 10.99 2.81 -17.04
N ASN A 202 10.89 2.80 -18.36
CA ASN A 202 10.45 3.95 -19.11
C ASN A 202 9.02 3.70 -19.56
N ILE A 203 8.06 4.33 -18.89
CA ILE A 203 6.64 4.07 -19.16
C ILE A 203 6.16 4.80 -20.41
N TYR A 204 6.98 5.68 -20.97
CA TYR A 204 6.62 6.45 -22.14
C TYR A 204 6.91 5.67 -23.44
N SER A 205 7.50 4.48 -23.32
CA SER A 205 7.70 3.57 -24.46
C SER A 205 6.75 2.36 -24.49
N MET A 206 5.80 2.27 -23.55
CA MET A 206 4.83 1.18 -23.54
C MET A 206 3.60 1.47 -24.41
N SER A 207 3.16 0.47 -25.14
CA SER A 207 1.83 0.45 -25.75
C SER A 207 0.91 -0.34 -24.81
N PRO A 208 -0.42 -0.19 -24.97
CA PRO A 208 -1.39 -0.94 -24.17
C PRO A 208 -1.08 -2.44 -24.07
N THR A 211 3.69 -5.63 -21.65
CA THR A 211 3.56 -6.22 -20.31
C THR A 211 4.39 -5.43 -19.27
N TYR A 212 3.71 -4.97 -18.22
CA TYR A 212 4.38 -4.33 -17.11
C TYR A 212 4.50 -5.37 -15.99
N THR A 213 5.71 -5.58 -15.49
CA THR A 213 5.93 -6.56 -14.42
C THR A 213 5.82 -5.86 -13.08
N ILE A 214 4.72 -6.12 -12.38
CA ILE A 214 4.45 -5.44 -11.10
C ILE A 214 5.49 -5.92 -10.09
N PRO A 215 6.14 -4.98 -9.40
CA PRO A 215 7.18 -5.39 -8.44
C PRO A 215 6.67 -6.21 -7.25
N GLY A 216 7.57 -6.95 -6.64
CA GLY A 216 7.24 -7.72 -5.47
C GLY A 216 6.83 -9.14 -5.75
N PRO A 217 6.48 -9.88 -4.69
CA PRO A 217 6.13 -11.27 -4.78
C PRO A 217 4.78 -11.48 -5.45
N ALA A 218 4.53 -12.73 -5.85
CA ALA A 218 3.24 -13.12 -6.34
C ALA A 218 2.18 -12.93 -5.27
N LYS A 219 1.01 -12.49 -5.72
CA LYS A 219 -0.13 -12.30 -4.85
C LYS A 219 -0.54 -13.63 -4.22
N PHE A 220 -0.80 -13.60 -2.92
CA PHE A 220 -1.36 -14.74 -2.21
C PHE A 220 -2.82 -15.02 -2.64
N THR A 221 -3.12 -16.31 -2.84
CA THR A 221 -4.48 -16.80 -3.13
C THR A 221 -4.83 -17.87 -2.11
N CYS A 222 -6.04 -17.81 -1.55
CA CYS A 222 -6.47 -18.84 -0.60
C CYS A 222 -6.49 -20.24 -1.25
N PRO A 223 -6.02 -21.27 -0.51
CA PRO A 223 -5.97 -22.63 -1.06
C PRO A 223 -7.32 -23.35 -1.01
C1 MAN B . 8.80 -7.90 -16.26
C2 MAN B . 8.98 -7.20 -17.60
C3 MAN B . 8.14 -7.91 -18.65
C4 MAN B . 8.39 -9.41 -18.66
C5 MAN B . 8.57 -10.04 -17.28
C6 MAN B . 9.29 -11.39 -17.43
O2 MAN B . 10.34 -7.22 -17.99
O3 MAN B . 8.46 -7.38 -19.91
O4 MAN B . 7.28 -10.04 -19.29
O5 MAN B . 9.30 -9.23 -16.36
O6 MAN B . 8.79 -12.29 -16.47
C1 MAN C . -3.61 -17.38 -6.64
C2 MAN C . -2.24 -16.75 -6.75
C3 MAN C . -2.35 -15.31 -7.21
C4 MAN C . -3.13 -15.17 -8.50
C5 MAN C . -4.36 -16.08 -8.58
C6 MAN C . -4.66 -16.33 -10.05
O2 MAN C . -1.51 -17.51 -7.70
O3 MAN C . -1.04 -14.86 -7.43
O4 MAN C . -3.55 -13.83 -8.70
O5 MAN C . -4.25 -17.33 -7.90
O6 MAN C . -5.87 -17.05 -10.16
CU CU D . 4.50 13.45 -6.15
S SO4 E . 7.69 15.19 -9.01
O1 SO4 E . 8.70 14.23 -9.53
O2 SO4 E . 8.38 16.40 -8.52
O3 SO4 E . 6.92 14.56 -7.91
O4 SO4 E . 6.75 15.56 -10.09
S SO4 F . -15.00 6.10 15.40
O1 SO4 F . -14.02 6.02 14.29
O2 SO4 F . -14.66 7.25 16.27
O3 SO4 F . -14.93 4.83 16.18
O4 SO4 F . -16.36 6.25 14.84
S SO4 G . 1.93 -19.04 -0.75
O1 SO4 G . 3.14 -19.70 -1.31
O2 SO4 G . 1.57 -17.87 -1.60
O3 SO4 G . 2.24 -18.53 0.60
O4 SO4 G . 0.82 -20.01 -0.65
LI LI H . -0.42 -21.44 0.14
#